data_3E40
#
_entry.id   3E40
#
_cell.length_a   50.330
_cell.length_b   91.630
_cell.length_c   66.150
_cell.angle_alpha   90.00
_cell.angle_beta   104.77
_cell.angle_gamma   90.00
#
_symmetry.space_group_name_H-M   'P 1 21 1'
#
loop_
_entity.id
_entity.type
_entity.pdbx_description
1 polymer 'Type-2 restriction enzyme HindII'
2 polymer "5'-D(*DGP*DCP*DCP*DGP*DGP*DTP*DP*DAP*DAP*DCP*DCP*DGP*DGP*DC)-3')"
3 non-polymer 'CALCIUM ION'
4 non-polymer 'SODIUM ION'
5 water water
#
loop_
_entity_poly.entity_id
_entity_poly.type
_entity_poly.pdbx_seq_one_letter_code
_entity_poly.pdbx_strand_id
1 'polypeptide(L)'
;SFIKPIYQDINSILIGQKVKRPKSGTLSGHAAGEPFEKLVYKFLKENLSDLTFKQYEYLNDLFMKNPAIIGHEARYKLFN
SPTLLFLLSRGKAATENWSIENLFEEKQNDTADILLVKDQFYELLDVKTRNISKSAFAPNIISAYKLAQTCAKMIDNKEF
DLFDINYLEVDWELNGEDLVCVSTSFAELFKSEPSELYINWAAAMQIQFHVRDLDQGFNGTREEWAKSYLKHFVTQAEQR
AISMIDKFVKPFKKYIL
;
A,B
2 'polydeoxyribonucleotide' (DG)(DC)(DC)(DG)(DG)(DT)(DT)(DA)(DA)(DC)(DC)(DG)(DG)(DC) E,F
#
loop_
_chem_comp.id
_chem_comp.type
_chem_comp.name
_chem_comp.formula
CA non-polymer 'CALCIUM ION' 'Ca 2'
DA DNA linking 2'-DEOXYADENOSINE-5'-MONOPHOSPHATE 'C10 H14 N5 O6 P'
DC DNA linking 2'-DEOXYCYTIDINE-5'-MONOPHOSPHATE 'C9 H14 N3 O7 P'
DG DNA linking 2'-DEOXYGUANOSINE-5'-MONOPHOSPHATE 'C10 H14 N5 O7 P'
DT DNA linking THYMIDINE-5'-MONOPHOSPHATE 'C10 H15 N2 O8 P'
NA non-polymer 'SODIUM ION' 'Na 1'
#
# COMPACT_ATOMS: atom_id res chain seq x y z
N SER A 1 11.84 4.59 -26.61
CA SER A 1 12.58 4.24 -25.40
C SER A 1 14.10 4.27 -25.56
N PHE A 2 14.78 4.81 -24.56
CA PHE A 2 16.24 4.85 -24.54
C PHE A 2 16.79 3.54 -24.02
N ILE A 3 15.99 2.82 -23.24
CA ILE A 3 16.42 1.53 -22.67
C ILE A 3 16.35 0.41 -23.71
N LYS A 4 15.28 0.43 -24.52
CA LYS A 4 14.98 -0.63 -25.50
C LYS A 4 16.17 -1.07 -26.38
N PRO A 5 16.96 -0.11 -26.88
CA PRO A 5 18.08 -0.56 -27.73
C PRO A 5 19.11 -1.40 -26.96
N ILE A 6 19.21 -1.27 -25.64
CA ILE A 6 20.12 -2.10 -24.88
C ILE A 6 19.42 -3.10 -23.97
N TYR A 7 18.14 -3.35 -24.20
CA TYR A 7 17.38 -4.25 -23.33
C TYR A 7 17.93 -5.67 -23.34
N GLN A 8 18.28 -6.17 -24.52
CA GLN A 8 18.89 -7.51 -24.61
C GLN A 8 20.04 -7.64 -23.62
N ASP A 9 20.92 -6.65 -23.62
CA ASP A 9 22.06 -6.64 -22.71
C ASP A 9 21.57 -6.62 -21.28
N ILE A 10 20.73 -5.64 -20.96
CA ILE A 10 20.16 -5.53 -19.62
C ILE A 10 19.58 -6.85 -19.15
N ASN A 11 18.78 -7.48 -20.01
CA ASN A 11 18.17 -8.76 -19.65
C ASN A 11 19.23 -9.80 -19.28
N SER A 12 20.26 -9.90 -20.11
CA SER A 12 21.35 -10.85 -19.85
C SER A 12 22.10 -10.52 -18.57
N ILE A 13 22.46 -9.25 -18.38
CA ILE A 13 23.25 -8.89 -17.21
C ILE A 13 22.49 -9.09 -15.89
N LEU A 14 21.17 -8.91 -15.93
CA LEU A 14 20.37 -8.95 -14.69
C LEU A 14 20.09 -10.36 -14.24
N ILE A 15 19.92 -11.26 -15.20
CA ILE A 15 19.67 -12.65 -14.89
C ILE A 15 20.92 -13.25 -14.28
N GLY A 16 20.78 -13.82 -13.07
CA GLY A 16 21.93 -14.30 -12.34
C GLY A 16 22.36 -13.36 -11.24
N GLN A 17 22.04 -12.07 -11.39
CA GLN A 17 22.30 -11.11 -10.32
C GLN A 17 21.62 -11.57 -9.05
N LYS A 18 22.23 -11.26 -7.91
CA LYS A 18 21.68 -11.64 -6.61
C LYS A 18 21.57 -10.44 -5.67
N VAL A 19 20.64 -10.51 -4.73
CA VAL A 19 20.59 -9.56 -3.62
C VAL A 19 20.36 -10.35 -2.33
N LYS A 20 21.09 -9.99 -1.27
CA LYS A 20 20.95 -10.69 0.00
C LYS A 20 19.53 -10.60 0.53
N ARG A 21 19.05 -11.70 1.11
CA ARG A 21 17.70 -11.73 1.66
C ARG A 21 17.65 -11.08 3.04
N ALA A 32 10.23 -7.35 -1.30
CA ALA A 32 11.40 -8.12 -0.86
C ALA A 32 12.52 -8.11 -1.92
N GLY A 33 12.14 -8.21 -3.18
CA GLY A 33 13.10 -8.09 -4.28
C GLY A 33 13.34 -6.64 -4.64
N GLU A 34 12.76 -5.74 -3.86
CA GLU A 34 12.83 -4.32 -4.13
C GLU A 34 14.21 -3.82 -4.56
N PRO A 35 15.29 -4.30 -3.89
CA PRO A 35 16.64 -3.83 -4.20
C PRO A 35 17.16 -4.14 -5.61
N PHE A 36 16.56 -5.09 -6.33
CA PHE A 36 16.94 -5.32 -7.73
C PHE A 36 16.85 -4.03 -8.54
N GLU A 37 15.98 -3.13 -8.11
CA GLU A 37 15.82 -1.83 -8.77
C GLU A 37 17.13 -1.03 -8.73
N LYS A 38 17.86 -1.16 -7.62
CA LYS A 38 19.17 -0.53 -7.49
C LYS A 38 20.16 -1.07 -8.51
N LEU A 39 20.11 -2.37 -8.78
CA LEU A 39 20.96 -2.98 -9.81
C LEU A 39 20.57 -2.50 -11.21
N VAL A 40 19.27 -2.41 -11.47
CA VAL A 40 18.80 -1.86 -12.75
C VAL A 40 19.41 -0.46 -12.89
N TYR A 41 19.32 0.34 -11.84
CA TYR A 41 19.85 1.69 -11.87
C TYR A 41 21.38 1.69 -12.12
N LYS A 42 22.12 0.87 -11.37
CA LYS A 42 23.56 0.76 -11.57
C LYS A 42 23.92 0.46 -13.03
N PHE A 43 23.21 -0.48 -13.64
CA PHE A 43 23.52 -0.84 -15.01
C PHE A 43 23.29 0.35 -15.94
N LEU A 44 22.13 0.98 -15.79
CA LEU A 44 21.78 2.14 -16.60
C LEU A 44 22.73 3.31 -16.41
N LYS A 45 23.19 3.53 -15.18
CA LYS A 45 24.15 4.57 -14.91
C LYS A 45 25.49 4.26 -15.63
N GLU A 46 25.82 2.99 -15.75
CA GLU A 46 27.07 2.60 -16.40
C GLU A 46 26.99 2.70 -17.92
N ASN A 47 25.85 2.33 -18.49
CA ASN A 47 25.73 2.26 -19.95
C ASN A 47 25.04 3.43 -20.62
N LEU A 48 24.36 4.24 -19.83
CA LEU A 48 23.70 5.44 -20.31
C LEU A 48 23.88 6.55 -19.27
N SER A 49 25.13 6.75 -18.86
CA SER A 49 25.46 7.62 -17.74
C SER A 49 24.88 9.02 -17.86
N ASP A 50 24.89 9.57 -19.07
CA ASP A 50 24.41 10.95 -19.25
C ASP A 50 22.89 11.08 -19.23
N LEU A 51 22.16 9.98 -19.46
CA LEU A 51 20.70 10.02 -19.54
C LEU A 51 19.96 9.61 -18.25
N THR A 52 20.67 9.02 -17.31
CA THR A 52 20.04 8.27 -16.24
C THR A 52 19.96 9.04 -14.90
N PHE A 53 18.78 9.07 -14.30
CA PHE A 53 18.60 9.72 -12.99
C PHE A 53 17.54 9.03 -12.13
N LYS A 54 17.75 9.03 -10.82
CA LYS A 54 16.63 8.82 -9.91
C LYS A 54 15.76 10.06 -10.05
N GLN A 55 14.47 9.95 -9.74
CA GLN A 55 13.61 11.11 -9.91
C GLN A 55 14.08 12.27 -9.04
N TYR A 56 14.38 12.00 -7.78
CA TYR A 56 14.82 13.05 -6.86
C TYR A 56 16.17 13.65 -7.30
N GLU A 57 16.98 12.83 -7.97
CA GLU A 57 18.29 13.22 -8.50
C GLU A 57 18.13 14.21 -9.65
N TYR A 58 17.18 13.93 -10.54
CA TYR A 58 16.88 14.85 -11.62
C TYR A 58 16.40 16.21 -11.09
N LEU A 59 15.50 16.19 -10.10
CA LEU A 59 15.05 17.41 -9.44
C LEU A 59 16.25 18.14 -8.81
N ASN A 60 17.06 17.42 -8.04
CA ASN A 60 18.22 18.07 -7.42
C ASN A 60 19.11 18.74 -8.47
N ASP A 61 19.45 18.02 -9.54
CA ASP A 61 20.24 18.59 -10.64
C ASP A 61 19.62 19.85 -11.28
N LEU A 62 18.33 19.78 -11.57
CA LEU A 62 17.63 20.92 -12.14
C LEU A 62 17.73 22.17 -11.27
N PHE A 63 17.54 22.03 -9.95
CA PHE A 63 17.58 23.22 -9.10
C PHE A 63 19.03 23.68 -8.81
N MET A 64 19.97 22.73 -8.75
CA MET A 64 21.39 23.04 -8.57
C MET A 64 21.96 23.91 -9.68
N LYS A 65 21.50 23.66 -10.91
CA LYS A 65 21.89 24.44 -12.11
C LYS A 65 21.23 25.79 -12.18
N ASN A 66 20.27 26.05 -11.29
CA ASN A 66 19.56 27.33 -11.31
C ASN A 66 19.52 27.94 -9.90
N PRO A 67 20.71 28.18 -9.31
CA PRO A 67 20.82 28.59 -7.90
C PRO A 67 20.11 29.92 -7.61
N ALA A 68 20.03 30.79 -8.61
CA ALA A 68 19.36 32.08 -8.41
C ALA A 68 17.84 31.94 -8.40
N ILE A 69 17.34 30.79 -8.82
CA ILE A 69 15.88 30.60 -8.88
C ILE A 69 15.41 29.97 -7.57
N ILE A 70 14.70 30.75 -6.79
CA ILE A 70 14.31 30.36 -5.44
C ILE A 70 12.79 30.52 -5.26
N GLY A 71 12.26 29.85 -4.24
CA GLY A 71 10.82 29.86 -3.99
C GLY A 71 10.19 28.80 -4.86
N HIS A 72 9.03 28.27 -4.49
CA HIS A 72 8.45 27.18 -5.28
C HIS A 72 7.91 27.61 -6.66
N GLU A 73 7.32 28.78 -6.73
CA GLU A 73 6.73 29.24 -7.99
C GLU A 73 7.78 29.32 -9.11
N ALA A 74 8.90 29.97 -8.84
CA ALA A 74 9.92 30.15 -9.87
C ALA A 74 10.54 28.81 -10.22
N ARG A 75 10.75 27.98 -9.19
CA ARG A 75 11.36 26.68 -9.36
C ARG A 75 10.45 25.76 -10.19
N TYR A 76 9.15 25.90 -9.99
CA TYR A 76 8.16 25.20 -10.81
C TYR A 76 8.29 25.61 -12.29
N LYS A 77 8.57 26.89 -12.54
CA LYS A 77 8.69 27.37 -13.91
C LYS A 77 9.83 26.71 -14.67
N LEU A 78 10.77 26.10 -13.93
CA LEU A 78 11.94 25.49 -14.56
C LEU A 78 11.56 24.22 -15.31
N PHE A 79 10.37 23.69 -15.03
CA PHE A 79 10.01 22.41 -15.65
C PHE A 79 9.67 22.58 -17.14
N ASN A 80 9.12 23.74 -17.48
CA ASN A 80 8.79 24.07 -18.86
C ASN A 80 7.78 23.10 -19.47
N SER A 81 6.94 22.50 -18.62
CA SER A 81 5.94 21.52 -19.04
C SER A 81 4.97 21.29 -17.90
N PRO A 82 3.67 21.56 -18.13
CA PRO A 82 2.66 21.30 -17.10
C PRO A 82 2.57 19.81 -16.73
N THR A 83 2.66 18.95 -17.73
CA THR A 83 2.49 17.52 -17.51
C THR A 83 3.67 16.94 -16.75
N LEU A 84 4.88 17.35 -17.12
CA LEU A 84 6.08 16.91 -16.39
C LEU A 84 6.11 17.43 -14.97
N LEU A 85 5.68 18.70 -14.80
CA LEU A 85 5.59 19.27 -13.47
C LEU A 85 4.68 18.39 -12.64
N PHE A 86 3.55 18.01 -13.24
CA PHE A 86 2.60 17.16 -12.55
C PHE A 86 3.20 15.80 -12.17
N LEU A 87 3.89 15.15 -13.09
CA LEU A 87 4.40 13.80 -12.84
C LEU A 87 5.60 13.74 -11.90
N LEU A 88 6.44 14.79 -11.92
CA LEU A 88 7.76 14.73 -11.30
C LEU A 88 8.02 15.63 -10.09
N SER A 89 7.34 16.77 -9.98
CA SER A 89 7.70 17.71 -8.92
C SER A 89 7.33 17.22 -7.51
N ARG A 90 8.01 17.80 -6.52
CA ARG A 90 7.64 17.61 -5.13
C ARG A 90 6.74 18.78 -4.79
N GLY A 91 6.11 18.72 -3.62
CA GLY A 91 5.13 19.72 -3.23
C GLY A 91 5.73 21.11 -3.04
N LYS A 92 4.86 22.08 -2.81
CA LYS A 92 5.29 23.48 -2.76
C LYS A 92 6.29 23.80 -1.65
N ALA A 93 5.98 23.35 -0.44
CA ALA A 93 6.86 23.55 0.71
C ALA A 93 8.18 22.81 0.52
N ALA A 94 8.13 21.60 -0.02
CA ALA A 94 9.33 20.80 -0.20
C ALA A 94 10.23 21.49 -1.21
N THR A 95 9.62 22.04 -2.25
CA THR A 95 10.34 22.72 -3.31
C THR A 95 10.92 24.03 -2.81
N GLU A 96 10.15 24.74 -2.00
CA GLU A 96 10.61 26.02 -1.46
C GLU A 96 11.77 25.87 -0.46
N ASN A 97 11.75 24.79 0.31
CA ASN A 97 12.77 24.53 1.33
C ASN A 97 14.01 23.81 0.77
N TRP A 98 13.94 23.38 -0.49
CA TRP A 98 15.11 22.79 -1.12
C TRP A 98 16.30 23.74 -1.02
N SER A 99 17.47 23.20 -0.70
CA SER A 99 18.74 23.90 -0.82
C SER A 99 19.86 22.87 -1.09
N ILE A 100 21.05 23.33 -1.44
CA ILE A 100 22.13 22.40 -1.72
C ILE A 100 22.45 21.59 -0.45
N GLU A 101 22.12 22.14 0.71
CA GLU A 101 22.32 21.46 1.98
C GLU A 101 21.09 20.66 2.42
N ASN A 102 20.00 20.80 1.66
CA ASN A 102 18.74 20.17 2.00
C ASN A 102 18.14 19.54 0.75
N LEU A 103 18.87 18.56 0.22
CA LEU A 103 18.55 17.98 -1.09
C LEU A 103 17.38 17.03 -0.99
N PHE A 104 16.67 16.86 -2.10
CA PHE A 104 15.63 15.86 -2.17
C PHE A 104 16.25 14.50 -1.97
N GLU A 105 15.58 13.69 -1.16
CA GLU A 105 15.92 12.27 -1.09
C GLU A 105 14.73 11.46 -1.61
N GLU A 106 14.87 10.14 -1.70
CA GLU A 106 13.76 9.32 -2.20
C GLU A 106 12.48 9.61 -1.43
N LYS A 107 11.35 9.58 -2.14
CA LYS A 107 10.03 9.79 -1.54
C LYS A 107 9.13 8.61 -1.94
N GLN A 108 8.37 8.08 -0.97
CA GLN A 108 7.60 6.84 -1.13
C GLN A 108 6.74 6.83 -2.42
N ASN A 109 5.98 7.91 -2.61
CA ASN A 109 5.06 7.95 -3.74
C ASN A 109 5.51 8.78 -4.94
N ASP A 110 6.81 8.95 -5.14
CA ASP A 110 7.29 9.48 -6.41
C ASP A 110 6.76 8.59 -7.55
N THR A 111 6.34 9.21 -8.65
CA THR A 111 5.81 8.51 -9.82
C THR A 111 6.77 7.45 -10.37
N ALA A 112 8.01 7.84 -10.61
CA ALA A 112 8.92 6.95 -11.32
C ALA A 112 10.06 6.47 -10.40
N ASP A 113 10.66 5.34 -10.75
CA ASP A 113 11.87 4.89 -10.09
C ASP A 113 13.09 5.51 -10.73
N ILE A 114 13.09 5.55 -12.06
CA ILE A 114 14.24 5.98 -12.85
C ILE A 114 13.77 6.83 -14.03
N LEU A 115 14.45 7.94 -14.24
CA LEU A 115 14.19 8.79 -15.39
C LEU A 115 15.35 8.67 -16.36
N LEU A 116 15.03 8.49 -17.64
CA LEU A 116 16.04 8.62 -18.69
C LEU A 116 15.63 9.76 -19.60
N VAL A 117 16.48 10.77 -19.71
CA VAL A 117 16.14 11.91 -20.54
C VAL A 117 17.27 12.28 -21.48
N LYS A 118 16.89 12.58 -22.72
CA LYS A 118 17.83 12.99 -23.73
C LYS A 118 17.11 13.86 -24.76
N ASP A 119 17.75 14.96 -25.13
CA ASP A 119 17.20 15.92 -26.08
C ASP A 119 15.79 16.30 -25.63
N GLN A 120 15.63 16.51 -24.33
CA GLN A 120 14.37 16.95 -23.74
C GLN A 120 13.20 16.00 -24.02
N PHE A 121 13.50 14.74 -24.31
CA PHE A 121 12.48 13.70 -24.26
C PHE A 121 12.64 12.83 -23.00
N TYR A 122 11.53 12.51 -22.34
CA TYR A 122 11.58 11.85 -21.04
C TYR A 122 11.03 10.44 -21.05
N GLU A 123 11.81 9.51 -20.52
CA GLU A 123 11.35 8.16 -20.30
C GLU A 123 11.24 7.96 -18.81
N LEU A 124 10.02 7.74 -18.33
CA LEU A 124 9.78 7.42 -16.93
C LEU A 124 9.76 5.91 -16.79
N LEU A 125 10.68 5.36 -16.00
CA LEU A 125 10.78 3.92 -15.87
C LEU A 125 10.40 3.48 -14.45
N ASP A 126 9.48 2.54 -14.37
CA ASP A 126 9.09 1.93 -13.11
C ASP A 126 9.49 0.48 -13.16
N VAL A 127 10.40 0.08 -12.26
CA VAL A 127 10.79 -1.33 -12.13
C VAL A 127 9.73 -2.12 -11.34
N LYS A 128 9.26 -3.25 -11.86
CA LYS A 128 8.33 -4.12 -11.12
C LYS A 128 9.00 -5.43 -10.70
N THR A 129 9.29 -5.58 -9.42
CA THR A 129 9.92 -6.81 -8.92
C THR A 129 8.85 -7.84 -8.61
N ARG A 130 9.19 -9.10 -8.77
CA ARG A 130 8.17 -10.13 -8.63
C ARG A 130 8.77 -11.43 -8.13
N ASN A 131 8.28 -11.89 -6.99
CA ASN A 131 8.68 -13.19 -6.50
C ASN A 131 8.00 -14.24 -7.38
N ILE A 132 8.78 -14.88 -8.23
CA ILE A 132 8.23 -15.79 -9.23
C ILE A 132 7.87 -17.20 -8.70
N SER A 133 8.04 -17.43 -7.40
CA SER A 133 7.67 -18.73 -6.85
C SER A 133 6.30 -18.69 -6.16
N LYS A 134 5.82 -17.49 -5.87
CA LYS A 134 4.49 -17.32 -5.28
C LYS A 134 3.39 -17.35 -6.35
N SER A 135 2.15 -17.55 -5.89
CA SER A 135 0.98 -17.48 -6.77
C SER A 135 0.93 -16.12 -7.45
N ALA A 136 0.81 -16.11 -8.77
CA ALA A 136 0.81 -14.86 -9.53
C ALA A 136 -0.25 -13.86 -9.04
N PHE A 137 0.20 -12.66 -8.66
CA PHE A 137 -0.68 -11.58 -8.20
C PHE A 137 -0.24 -10.31 -8.96
N ALA A 138 -1.06 -9.84 -9.91
CA ALA A 138 -0.69 -8.65 -10.68
C ALA A 138 -0.49 -7.41 -9.78
N PRO A 139 0.66 -6.73 -9.92
CA PRO A 139 0.94 -5.62 -9.00
C PRO A 139 0.35 -4.28 -9.42
N ASN A 140 0.24 -3.37 -8.47
CA ASN A 140 -0.04 -1.97 -8.76
C ASN A 140 0.98 -1.48 -9.78
N ILE A 141 0.49 -0.89 -10.86
CA ILE A 141 1.36 -0.36 -11.89
C ILE A 141 1.43 1.14 -11.69
N ILE A 142 0.29 1.83 -11.72
CA ILE A 142 0.25 3.27 -11.51
C ILE A 142 -1.20 3.60 -11.22
N SER A 143 -1.44 4.67 -10.45
CA SER A 143 -2.81 5.11 -10.18
C SER A 143 -3.50 5.38 -11.51
N ALA A 144 -4.67 4.77 -11.72
CA ALA A 144 -5.51 5.06 -12.88
C ALA A 144 -5.91 6.55 -12.89
N TYR A 145 -6.07 7.12 -11.70
CA TYR A 145 -6.46 8.54 -11.57
C TYR A 145 -5.29 9.50 -11.88
N LYS A 146 -4.10 9.18 -11.41
CA LYS A 146 -2.93 9.93 -11.83
C LYS A 146 -2.82 9.88 -13.37
N LEU A 147 -3.12 8.72 -13.94
CA LEU A 147 -2.98 8.55 -15.39
C LEU A 147 -4.01 9.40 -16.13
N ALA A 148 -5.21 9.44 -15.58
CA ALA A 148 -6.28 10.25 -16.17
C ALA A 148 -5.86 11.70 -16.18
N GLN A 149 -5.32 12.17 -15.05
CA GLN A 149 -4.91 13.55 -14.98
C GLN A 149 -3.81 13.85 -15.99
N THR A 150 -2.92 12.88 -16.17
CA THR A 150 -1.82 13.01 -17.11
C THR A 150 -2.33 13.16 -18.54
N CYS A 151 -3.23 12.27 -18.94
CA CYS A 151 -3.87 12.36 -20.24
C CYS A 151 -4.60 13.71 -20.45
N ALA A 152 -5.34 14.16 -19.47
CA ALA A 152 -6.04 15.43 -19.61
C ALA A 152 -5.03 16.56 -19.80
N LYS A 153 -3.91 16.49 -19.08
CA LYS A 153 -2.91 17.56 -19.18
C LYS A 153 -2.15 17.49 -20.50
N MET A 154 -1.93 16.27 -21.00
CA MET A 154 -1.30 16.09 -22.30
C MET A 154 -2.14 16.78 -23.38
N ILE A 155 -3.46 16.57 -23.31
CA ILE A 155 -4.39 17.11 -24.30
C ILE A 155 -4.44 18.64 -24.18
N ASP A 156 -4.63 19.14 -22.96
CA ASP A 156 -4.76 20.59 -22.77
C ASP A 156 -3.55 21.36 -23.27
N ASN A 157 -2.38 20.74 -23.20
CA ASN A 157 -1.14 21.41 -23.52
C ASN A 157 -0.51 20.94 -24.83
N LYS A 158 -1.17 20.02 -25.51
CA LYS A 158 -0.63 19.40 -26.72
C LYS A 158 0.79 18.83 -26.53
N GLU A 159 1.03 18.20 -25.38
CA GLU A 159 2.29 17.50 -25.14
C GLU A 159 2.18 16.00 -25.46
N PHE A 160 2.24 15.67 -26.75
CA PHE A 160 2.05 14.29 -27.20
C PHE A 160 3.33 13.57 -27.62
N ASP A 161 4.46 14.26 -27.54
CA ASP A 161 5.72 13.71 -28.01
C ASP A 161 6.83 14.11 -27.04
N LEU A 162 6.58 13.96 -25.74
CA LEU A 162 7.45 14.53 -24.74
C LEU A 162 7.98 13.47 -23.77
N PHE A 163 7.16 12.49 -23.45
CA PHE A 163 7.54 11.48 -22.48
C PHE A 163 6.83 10.16 -22.69
N ASP A 164 7.50 9.09 -22.26
CA ASP A 164 6.92 7.76 -22.27
C ASP A 164 6.81 7.27 -20.83
N ILE A 165 5.85 6.39 -20.56
CA ILE A 165 5.82 5.70 -19.26
C ILE A 165 6.08 4.23 -19.52
N ASN A 166 7.21 3.71 -19.02
CA ASN A 166 7.63 2.33 -19.34
C ASN A 166 7.97 1.48 -18.11
N TYR A 167 7.86 0.15 -18.24
CA TYR A 167 7.98 -0.77 -17.10
C TYR A 167 9.00 -1.87 -17.36
N LEU A 168 9.81 -2.17 -16.35
CA LEU A 168 10.78 -3.26 -16.41
C LEU A 168 10.50 -4.24 -15.27
N GLU A 169 10.02 -5.43 -15.62
CA GLU A 169 9.72 -6.44 -14.63
C GLU A 169 11.00 -7.22 -14.32
N VAL A 170 11.28 -7.42 -13.04
CA VAL A 170 12.44 -8.21 -12.62
C VAL A 170 11.94 -9.38 -11.78
N ASP A 171 11.91 -10.57 -12.38
CA ASP A 171 11.46 -11.79 -11.68
C ASP A 171 12.59 -12.38 -10.86
N TRP A 172 12.27 -12.83 -9.65
CA TRP A 172 13.31 -13.36 -8.78
C TRP A 172 12.79 -14.54 -7.95
N GLU A 173 13.72 -15.38 -7.50
CA GLU A 173 13.36 -16.45 -6.57
C GLU A 173 14.37 -16.59 -5.44
N LEU A 174 13.90 -17.12 -4.31
CA LEU A 174 14.75 -17.33 -3.16
C LEU A 174 15.62 -18.55 -3.43
N ASN A 175 16.91 -18.34 -3.51
CA ASN A 175 17.86 -19.42 -3.75
C ASN A 175 18.88 -19.47 -2.63
N GLY A 176 18.56 -20.23 -1.58
CA GLY A 176 19.44 -20.31 -0.43
C GLY A 176 19.39 -19.07 0.44
N GLU A 177 20.51 -18.37 0.53
CA GLU A 177 20.60 -17.16 1.34
C GLU A 177 20.24 -15.94 0.50
N ASP A 178 20.22 -16.11 -0.81
CA ASP A 178 20.07 -14.99 -1.72
C ASP A 178 18.76 -14.98 -2.51
N LEU A 179 18.37 -13.79 -2.97
CA LEU A 179 17.37 -13.65 -3.99
C LEU A 179 18.12 -13.61 -5.30
N VAL A 180 17.65 -14.37 -6.29
CA VAL A 180 18.27 -14.32 -7.60
C VAL A 180 17.26 -13.96 -8.71
N CYS A 181 17.67 -13.09 -9.62
CA CYS A 181 16.87 -12.76 -10.79
C CYS A 181 16.85 -13.92 -11.78
N VAL A 182 15.67 -14.34 -12.24
CA VAL A 182 15.58 -15.45 -13.18
C VAL A 182 15.14 -15.01 -14.59
N SER A 183 14.53 -13.84 -14.68
CA SER A 183 14.13 -13.31 -15.98
C SER A 183 13.61 -11.89 -15.82
N THR A 184 13.34 -11.25 -16.94
CA THR A 184 12.83 -9.90 -16.94
C THR A 184 11.92 -9.72 -18.13
N SER A 185 11.15 -8.63 -18.09
CA SER A 185 10.29 -8.22 -19.19
C SER A 185 10.30 -6.72 -19.31
N PHE A 186 10.02 -6.23 -20.52
CA PHE A 186 9.94 -4.80 -20.76
C PHE A 186 8.71 -4.47 -21.58
N ALA A 187 8.07 -3.37 -21.26
CA ALA A 187 6.87 -2.98 -21.98
C ALA A 187 6.60 -1.49 -21.77
N GLU A 188 5.97 -0.89 -22.77
CA GLU A 188 5.68 0.54 -22.81
C GLU A 188 4.18 0.76 -22.60
N LEU A 189 3.83 1.53 -21.57
CA LEU A 189 2.43 1.80 -21.31
C LEU A 189 1.72 2.33 -22.55
N PHE A 190 2.36 3.27 -23.24
CA PHE A 190 1.66 3.95 -24.32
C PHE A 190 1.49 3.13 -25.61
N LYS A 191 2.01 1.90 -25.60
CA LYS A 191 1.79 0.94 -26.68
C LYS A 191 0.72 -0.12 -26.33
N SER A 192 0.19 -0.07 -25.12
CA SER A 192 -0.88 -0.99 -24.73
C SER A 192 -2.20 -0.44 -25.22
N GLU A 193 -3.18 -1.33 -25.36
CA GLU A 193 -4.52 -0.90 -25.70
C GLU A 193 -5.16 -0.36 -24.43
N PRO A 194 -5.50 0.95 -24.40
CA PRO A 194 -5.98 1.55 -23.14
C PRO A 194 -7.21 0.86 -22.59
N SER A 195 -8.12 0.45 -23.47
CA SER A 195 -9.39 -0.11 -23.02
C SER A 195 -9.21 -1.51 -22.43
N GLU A 196 -8.01 -2.06 -22.53
CA GLU A 196 -7.78 -3.37 -21.94
C GLU A 196 -7.07 -3.33 -20.57
N LEU A 197 -6.69 -2.14 -20.12
CA LEU A 197 -6.02 -1.98 -18.82
C LEU A 197 -6.98 -2.27 -17.67
N TYR A 198 -6.57 -3.10 -16.71
CA TYR A 198 -7.37 -3.42 -15.52
C TYR A 198 -7.22 -2.36 -14.42
N ILE A 199 -8.31 -1.69 -14.05
CA ILE A 199 -8.24 -0.71 -12.97
C ILE A 199 -8.80 -1.40 -11.72
N ASN A 200 -7.94 -1.63 -10.74
CA ASN A 200 -8.39 -2.23 -9.48
C ASN A 200 -8.72 -1.10 -8.51
N TRP A 201 -10.01 -0.77 -8.42
CA TRP A 201 -10.44 0.38 -7.63
C TRP A 201 -10.09 0.24 -6.15
N ALA A 202 -10.31 -0.92 -5.55
CA ALA A 202 -10.00 -1.08 -4.13
C ALA A 202 -8.50 -0.91 -3.88
N ALA A 203 -7.68 -1.35 -4.83
CA ALA A 203 -6.22 -1.31 -4.64
C ALA A 203 -5.66 0.07 -5.02
N ALA A 204 -6.13 1.09 -4.30
CA ALA A 204 -5.66 2.45 -4.52
C ALA A 204 -5.89 2.95 -5.95
N MET A 205 -6.97 2.48 -6.57
CA MET A 205 -7.33 2.91 -7.94
C MET A 205 -6.22 2.61 -8.94
N GLN A 206 -5.44 1.57 -8.67
CA GLN A 206 -4.26 1.28 -9.47
C GLN A 206 -4.59 0.40 -10.65
N ILE A 207 -4.04 0.76 -11.80
CA ILE A 207 -3.95 -0.14 -12.92
C ILE A 207 -3.05 -1.29 -12.51
N GLN A 208 -3.43 -2.52 -12.86
CA GLN A 208 -2.63 -3.68 -12.49
C GLN A 208 -2.41 -4.58 -13.71
N PHE A 209 -1.16 -4.97 -13.90
CA PHE A 209 -0.83 -6.00 -14.88
C PHE A 209 0.58 -6.57 -14.60
N HIS A 210 0.86 -7.73 -15.15
CA HIS A 210 2.25 -8.19 -15.20
C HIS A 210 2.83 -7.65 -16.50
N VAL A 211 4.01 -7.05 -16.42
CA VAL A 211 4.67 -6.47 -17.58
C VAL A 211 4.74 -7.49 -18.72
N ARG A 212 5.12 -8.71 -18.33
CA ARG A 212 5.22 -9.84 -19.23
C ARG A 212 3.94 -10.04 -20.08
N ASP A 213 2.78 -9.68 -19.52
CA ASP A 213 1.50 -9.93 -20.17
C ASP A 213 0.98 -8.73 -20.96
N LEU A 214 1.61 -7.57 -20.84
CA LEU A 214 0.99 -6.36 -21.40
C LEU A 214 1.02 -6.36 -22.92
N ASP A 215 -0.14 -6.24 -23.56
CA ASP A 215 -0.17 -6.12 -25.02
C ASP A 215 0.52 -4.83 -25.50
N GLN A 216 1.07 -4.88 -26.68
CA GLN A 216 1.91 -3.80 -27.16
C GLN A 216 1.57 -3.43 -28.59
N GLY A 217 0.31 -3.61 -28.96
CA GLY A 217 -0.10 -3.44 -30.34
C GLY A 217 -0.97 -2.23 -30.63
N PHE A 218 -0.90 -1.19 -29.80
CA PHE A 218 -1.74 -0.02 -30.05
C PHE A 218 -1.38 0.68 -31.37
N ASN A 219 -2.41 0.97 -32.16
CA ASN A 219 -2.25 1.62 -33.47
C ASN A 219 -2.95 2.97 -33.49
N GLY A 220 -2.31 3.99 -32.94
CA GLY A 220 -2.86 5.31 -33.03
C GLY A 220 -1.79 6.26 -32.57
N THR A 221 -2.13 7.54 -32.52
CA THR A 221 -1.21 8.55 -32.00
C THR A 221 -1.29 8.60 -30.48
N ARG A 222 -0.34 9.30 -29.88
CA ARG A 222 -0.37 9.51 -28.46
C ARG A 222 -1.66 10.23 -28.03
N GLU A 223 -2.09 11.23 -28.83
CA GLU A 223 -3.33 11.94 -28.53
C GLU A 223 -4.51 10.98 -28.52
N GLU A 224 -4.54 10.06 -29.48
CA GLU A 224 -5.57 9.03 -29.53
C GLU A 224 -5.50 8.11 -28.31
N TRP A 225 -4.29 7.77 -27.86
CA TRP A 225 -4.14 6.95 -26.68
C TRP A 225 -4.81 7.66 -25.50
N ALA A 226 -4.48 8.94 -25.34
CA ALA A 226 -4.98 9.74 -24.22
C ALA A 226 -6.52 9.82 -24.20
N LYS A 227 -7.13 10.18 -25.33
CA LYS A 227 -8.59 10.26 -25.42
C LYS A 227 -9.22 8.93 -25.10
N SER A 228 -8.66 7.87 -25.67
CA SER A 228 -9.19 6.52 -25.50
C SER A 228 -9.07 6.04 -24.04
N TYR A 229 -7.92 6.28 -23.40
CA TYR A 229 -7.79 5.89 -22.00
C TYR A 229 -8.81 6.67 -21.14
N LEU A 230 -9.00 7.93 -21.45
CA LEU A 230 -9.95 8.74 -20.68
C LEU A 230 -11.37 8.19 -20.82
N LYS A 231 -11.75 7.80 -22.03
CA LYS A 231 -13.05 7.16 -22.20
C LYS A 231 -13.13 5.91 -21.34
N HIS A 232 -12.06 5.12 -21.35
CA HIS A 232 -12.01 3.91 -20.55
C HIS A 232 -12.13 4.22 -19.06
N PHE A 233 -11.35 5.21 -18.60
CA PHE A 233 -11.33 5.56 -17.19
C PHE A 233 -12.73 5.95 -16.70
N VAL A 234 -13.35 6.85 -17.47
CA VAL A 234 -14.66 7.40 -17.16
C VAL A 234 -15.70 6.28 -17.13
N THR A 235 -15.60 5.36 -18.09
CA THR A 235 -16.51 4.22 -18.15
C THR A 235 -16.33 3.30 -16.94
N GLN A 236 -15.08 3.02 -16.58
CA GLN A 236 -14.82 2.14 -15.43
C GLN A 236 -15.27 2.76 -14.11
N ALA A 237 -15.07 4.06 -13.97
CA ALA A 237 -15.50 4.77 -12.77
C ALA A 237 -17.03 4.67 -12.59
N GLU A 238 -17.78 4.91 -13.67
CA GLU A 238 -19.24 4.77 -13.66
C GLU A 238 -19.66 3.38 -13.21
N GLN A 239 -19.01 2.36 -13.78
CA GLN A 239 -19.35 0.98 -13.44
C GLN A 239 -18.99 0.66 -11.98
N ARG A 240 -17.85 1.16 -11.52
CA ARG A 240 -17.47 0.97 -10.13
C ARG A 240 -18.49 1.64 -9.18
N ALA A 241 -18.94 2.84 -9.52
CA ALA A 241 -19.92 3.54 -8.66
C ALA A 241 -21.12 2.65 -8.41
N ILE A 242 -21.62 2.02 -9.48
CA ILE A 242 -22.70 1.04 -9.37
C ILE A 242 -22.31 -0.22 -8.60
N SER A 243 -21.16 -0.81 -8.94
CA SER A 243 -20.70 -2.02 -8.26
C SER A 243 -20.59 -1.92 -6.74
N MET A 244 -20.26 -0.73 -6.23
CA MET A 244 -20.08 -0.54 -4.80
C MET A 244 -21.39 -0.76 -4.02
N ILE A 245 -22.52 -0.38 -4.61
CA ILE A 245 -23.80 -0.64 -3.97
C ILE A 245 -23.97 -2.16 -3.88
N ASP A 246 -23.66 -2.85 -4.98
CA ASP A 246 -23.79 -4.30 -5.05
C ASP A 246 -22.95 -5.00 -3.98
N LYS A 247 -21.72 -4.53 -3.77
CA LYS A 247 -20.77 -5.26 -2.95
C LYS A 247 -20.67 -4.72 -1.53
N PHE A 248 -20.85 -3.42 -1.37
CA PHE A 248 -20.62 -2.81 -0.07
C PHE A 248 -21.87 -2.34 0.62
N VAL A 249 -22.99 -2.30 -0.10
CA VAL A 249 -24.22 -1.84 0.52
C VAL A 249 -25.19 -3.02 0.69
N LYS A 250 -25.63 -3.57 -0.43
CA LYS A 250 -26.58 -4.69 -0.41
C LYS A 250 -26.30 -5.78 0.63
N PRO A 251 -25.09 -6.40 0.61
CA PRO A 251 -24.83 -7.51 1.54
C PRO A 251 -24.93 -7.17 3.03
N PHE A 252 -24.88 -5.90 3.39
CA PHE A 252 -24.84 -5.53 4.81
C PHE A 252 -26.12 -4.84 5.28
N LYS A 253 -26.97 -4.46 4.34
CA LYS A 253 -28.24 -3.80 4.72
C LYS A 253 -29.11 -4.68 5.62
N LYS A 254 -29.01 -5.99 5.46
CA LYS A 254 -29.80 -6.91 6.31
C LYS A 254 -29.48 -6.84 7.81
N TYR A 255 -28.37 -6.18 8.18
CA TYR A 255 -27.96 -6.11 9.58
C TYR A 255 -28.38 -4.80 10.22
N ILE A 256 -28.88 -3.87 9.42
CA ILE A 256 -29.14 -2.55 9.94
C ILE A 256 -30.59 -2.07 9.71
N LEU A 257 -31.31 -2.71 8.80
CA LEU A 257 -32.68 -2.27 8.50
C LEU A 257 -33.68 -2.64 9.61
N SER B 1 -8.84 -5.12 27.66
CA SER B 1 -7.43 -5.21 27.25
C SER B 1 -6.55 -5.82 28.34
N PHE B 2 -5.67 -6.73 27.93
CA PHE B 2 -4.63 -7.28 28.79
C PHE B 2 -3.43 -6.35 28.84
N ILE B 3 -3.35 -5.47 27.84
CA ILE B 3 -2.25 -4.52 27.71
C ILE B 3 -2.50 -3.23 28.49
N LYS B 4 -3.73 -2.75 28.45
CA LYS B 4 -4.09 -1.48 29.07
C LYS B 4 -3.67 -1.36 30.55
N PRO B 5 -3.96 -2.38 31.37
CA PRO B 5 -3.52 -2.30 32.78
C PRO B 5 -2.02 -2.09 32.95
N ILE B 6 -1.19 -2.52 31.99
CA ILE B 6 0.27 -2.32 32.08
C ILE B 6 0.82 -1.32 31.08
N TYR B 7 -0.06 -0.51 30.50
CA TYR B 7 0.37 0.51 29.54
C TYR B 7 1.51 1.40 30.07
N GLN B 8 1.42 1.78 31.34
CA GLN B 8 2.43 2.67 31.91
C GLN B 8 3.78 1.96 31.91
N ASP B 9 3.74 0.65 32.14
CA ASP B 9 4.97 -0.14 32.11
C ASP B 9 5.55 -0.09 30.71
N ILE B 10 4.71 -0.29 29.70
CA ILE B 10 5.16 -0.29 28.32
C ILE B 10 5.68 1.07 27.87
N ASN B 11 4.91 2.11 28.16
CA ASN B 11 5.25 3.46 27.77
C ASN B 11 6.65 3.81 28.27
N SER B 12 6.96 3.46 29.52
CA SER B 12 8.24 3.79 30.14
C SER B 12 9.43 3.07 29.53
N ILE B 13 9.25 1.77 29.24
CA ILE B 13 10.30 0.96 28.67
C ILE B 13 10.63 1.37 27.22
N LEU B 14 9.61 1.89 26.54
CA LEU B 14 9.71 2.18 25.12
C LEU B 14 10.18 3.62 24.87
N ILE B 15 9.69 4.54 25.71
CA ILE B 15 9.82 5.98 25.47
C ILE B 15 11.24 6.52 25.25
N GLY B 16 12.25 5.66 25.31
CA GLY B 16 13.60 6.11 25.01
C GLY B 16 14.33 5.12 24.15
N GLN B 17 13.65 4.04 23.76
CA GLN B 17 14.25 2.99 22.95
C GLN B 17 14.74 3.54 21.62
N LYS B 18 15.75 2.89 21.05
CA LYS B 18 16.31 3.33 19.77
C LYS B 18 16.53 2.15 18.86
N VAL B 19 16.10 2.27 17.60
CA VAL B 19 16.46 1.33 16.55
C VAL B 19 17.44 2.01 15.60
N LYS B 20 18.20 1.21 14.85
CA LYS B 20 19.22 1.76 13.96
C LYS B 20 18.64 2.22 12.62
N ARG B 21 19.03 3.43 12.21
CA ARG B 21 18.55 4.02 10.96
C ARG B 21 19.07 3.28 9.74
N GLU B 37 9.72 -1.01 15.46
CA GLU B 37 9.68 -0.99 16.92
C GLU B 37 8.94 -2.21 17.51
N LYS B 38 9.10 -3.38 16.88
CA LYS B 38 8.75 -4.67 17.48
C LYS B 38 9.55 -4.99 18.76
N LEU B 39 10.11 -3.94 19.36
CA LEU B 39 10.44 -3.95 20.77
C LEU B 39 9.16 -4.12 21.60
N VAL B 40 8.01 -3.80 20.99
CA VAL B 40 6.73 -3.96 21.67
C VAL B 40 6.47 -5.44 21.96
N TYR B 41 6.67 -6.27 20.95
CA TYR B 41 6.47 -7.71 21.09
C TYR B 41 7.39 -8.27 22.17
N LYS B 42 8.67 -7.91 22.10
CA LYS B 42 9.65 -8.35 23.08
C LYS B 42 9.16 -8.11 24.51
N PHE B 43 8.78 -6.88 24.80
CA PHE B 43 8.33 -6.54 26.15
C PHE B 43 7.13 -7.40 26.56
N LEU B 44 6.10 -7.42 25.72
CA LEU B 44 4.90 -8.20 26.02
C LEU B 44 5.21 -9.68 26.19
N LYS B 45 6.09 -10.19 25.34
CA LYS B 45 6.47 -11.60 25.41
C LYS B 45 7.23 -11.90 26.72
N GLU B 46 7.90 -10.89 27.26
CA GLU B 46 8.69 -11.08 28.49
C GLU B 46 7.88 -10.81 29.74
N ASN B 47 6.79 -10.04 29.61
CA ASN B 47 5.98 -9.69 30.76
C ASN B 47 4.61 -10.39 30.81
N LEU B 48 4.23 -11.00 29.70
CA LEU B 48 2.98 -11.75 29.58
C LEU B 48 3.21 -12.94 28.65
N SER B 49 4.26 -13.70 28.95
CA SER B 49 4.74 -14.75 28.05
C SER B 49 3.69 -15.82 27.72
N ASP B 50 2.82 -16.10 28.67
CA ASP B 50 1.82 -17.13 28.46
C ASP B 50 0.72 -16.65 27.50
N LEU B 51 0.58 -15.33 27.38
CA LEU B 51 -0.52 -14.74 26.61
C LEU B 51 -0.16 -14.30 25.18
N THR B 52 1.12 -13.97 24.99
CA THR B 52 1.56 -13.17 23.85
C THR B 52 2.10 -13.97 22.66
N PHE B 53 1.57 -13.68 21.48
CA PHE B 53 1.95 -14.37 20.25
C PHE B 53 2.00 -13.39 19.08
N LYS B 54 2.90 -13.62 18.14
CA LYS B 54 2.75 -13.02 16.82
C LYS B 54 1.62 -13.82 16.18
N GLN B 55 0.96 -13.28 15.16
CA GLN B 55 -0.20 -14.00 14.64
C GLN B 55 0.18 -15.38 14.14
N TYR B 56 1.20 -15.43 13.28
CA TYR B 56 1.63 -16.69 12.69
C TYR B 56 2.07 -17.68 13.78
N GLU B 57 2.66 -17.12 14.85
CA GLU B 57 3.08 -17.90 16.01
C GLU B 57 1.90 -18.53 16.74
N TYR B 58 0.84 -17.77 16.93
CA TYR B 58 -0.36 -18.33 17.51
C TYR B 58 -0.93 -19.50 16.68
N LEU B 59 -0.88 -19.38 15.35
CA LEU B 59 -1.41 -20.42 14.47
C LEU B 59 -0.52 -21.67 14.55
N ASN B 60 0.79 -21.46 14.59
CA ASN B 60 1.70 -22.58 14.73
C ASN B 60 1.42 -23.33 16.04
N ASP B 61 1.35 -22.57 17.14
CA ASP B 61 1.06 -23.09 18.47
C ASP B 61 -0.22 -23.92 18.47
N LEU B 62 -1.29 -23.33 17.95
CA LEU B 62 -2.58 -24.00 17.81
C LEU B 62 -2.50 -25.33 17.06
N PHE B 63 -1.82 -25.33 15.92
CA PHE B 63 -1.73 -26.54 15.12
C PHE B 63 -0.73 -27.55 15.72
N MET B 64 0.37 -27.07 16.32
CA MET B 64 1.30 -27.96 17.02
C MET B 64 0.65 -28.72 18.19
N LYS B 65 -0.21 -28.04 18.94
CA LYS B 65 -0.85 -28.60 20.12
C LYS B 65 -1.93 -29.61 19.75
N ASN B 66 -2.26 -29.70 18.47
CA ASN B 66 -3.32 -30.59 18.00
C ASN B 66 -2.84 -31.47 16.86
N PRO B 67 -1.74 -32.23 17.09
CA PRO B 67 -1.11 -33.04 16.04
C PRO B 67 -2.05 -34.06 15.39
N ALA B 68 -3.11 -34.46 16.08
CA ALA B 68 -4.00 -35.49 15.54
C ALA B 68 -4.91 -34.95 14.45
N ILE B 69 -4.95 -33.64 14.31
CA ILE B 69 -5.84 -32.97 13.37
C ILE B 69 -5.10 -32.54 12.11
N ILE B 70 -5.48 -33.10 10.96
CA ILE B 70 -4.84 -32.74 9.70
C ILE B 70 -5.84 -32.21 8.68
N GLY B 71 -5.34 -31.56 7.64
CA GLY B 71 -6.21 -30.96 6.64
C GLY B 71 -6.86 -29.68 7.10
N HIS B 72 -7.34 -28.89 6.14
CA HIS B 72 -7.82 -27.54 6.43
C HIS B 72 -9.19 -27.48 7.10
N GLU B 73 -10.12 -28.34 6.69
CA GLU B 73 -11.45 -28.32 7.30
C GLU B 73 -11.36 -28.59 8.80
N ALA B 74 -10.59 -29.61 9.16
CA ALA B 74 -10.48 -30.01 10.56
C ALA B 74 -9.72 -28.95 11.36
N ARG B 75 -8.63 -28.46 10.80
CA ARG B 75 -7.82 -27.45 11.48
C ARG B 75 -8.58 -26.13 11.62
N TYR B 76 -9.45 -25.85 10.66
CA TYR B 76 -10.30 -24.66 10.74
C TYR B 76 -11.27 -24.81 11.92
N LYS B 77 -11.62 -26.04 12.27
CA LYS B 77 -12.53 -26.27 13.39
C LYS B 77 -11.83 -25.99 14.73
N LEU B 78 -10.51 -26.03 14.72
CA LEU B 78 -9.74 -25.73 15.93
C LEU B 78 -9.98 -24.31 16.44
N PHE B 79 -10.38 -23.41 15.56
CA PHE B 79 -10.62 -22.02 15.98
C PHE B 79 -11.84 -21.89 16.88
N ASN B 80 -12.79 -22.82 16.73
CA ASN B 80 -14.03 -22.80 17.51
C ASN B 80 -14.71 -21.44 17.47
N SER B 81 -14.66 -20.78 16.32
CA SER B 81 -15.25 -19.45 16.16
C SER B 81 -15.10 -18.97 14.73
N PRO B 82 -16.22 -18.85 14.02
CA PRO B 82 -16.21 -18.37 12.62
C PRO B 82 -15.57 -17.00 12.49
N THR B 83 -15.82 -16.11 13.45
CA THR B 83 -15.30 -14.75 13.34
C THR B 83 -13.77 -14.70 13.50
N LEU B 84 -13.26 -15.38 14.53
CA LEU B 84 -11.81 -15.46 14.70
C LEU B 84 -11.17 -16.28 13.55
N LEU B 85 -11.91 -17.27 13.07
CA LEU B 85 -11.46 -18.01 11.90
C LEU B 85 -11.21 -16.98 10.78
N PHE B 86 -12.18 -16.10 10.58
CA PHE B 86 -12.09 -15.14 9.49
C PHE B 86 -10.95 -14.13 9.71
N LEU B 87 -10.73 -13.74 10.96
CA LEU B 87 -9.72 -12.71 11.23
C LEU B 87 -8.28 -13.26 11.24
N LEU B 88 -8.10 -14.53 11.59
CA LEU B 88 -6.77 -15.03 11.94
C LEU B 88 -6.23 -16.09 11.00
N SER B 89 -7.10 -16.86 10.37
CA SER B 89 -6.62 -18.03 9.66
C SER B 89 -5.91 -17.69 8.36
N ARG B 90 -4.97 -18.54 7.96
CA ARG B 90 -4.39 -18.51 6.62
C ARG B 90 -5.32 -19.25 5.65
N GLY B 91 -5.01 -19.17 4.36
CA GLY B 91 -5.82 -19.80 3.34
C GLY B 91 -5.83 -21.33 3.40
N LYS B 92 -6.81 -21.92 2.73
CA LYS B 92 -7.02 -23.37 2.81
C LYS B 92 -5.80 -24.20 2.46
N ALA B 93 -5.15 -23.88 1.35
CA ALA B 93 -4.00 -24.65 0.92
C ALA B 93 -2.85 -24.48 1.91
N ALA B 94 -2.64 -23.25 2.39
CA ALA B 94 -1.56 -23.01 3.35
C ALA B 94 -1.78 -23.83 4.62
N THR B 95 -3.05 -23.92 5.06
CA THR B 95 -3.41 -24.61 6.29
C THR B 95 -3.24 -26.12 6.14
N GLU B 96 -3.70 -26.66 5.02
CA GLU B 96 -3.55 -28.09 4.77
C GLU B 96 -2.05 -28.47 4.65
N ASN B 97 -1.28 -27.62 3.99
CA ASN B 97 0.13 -27.88 3.79
C ASN B 97 0.98 -27.63 5.02
N TRP B 98 0.38 -27.05 6.06
CA TRP B 98 1.09 -26.83 7.30
C TRP B 98 1.58 -28.15 7.92
N SER B 99 2.78 -28.14 8.50
CA SER B 99 3.25 -29.26 9.31
C SER B 99 4.33 -28.79 10.31
N ILE B 100 4.68 -29.62 11.28
CA ILE B 100 5.74 -29.28 12.25
C ILE B 100 7.02 -28.84 11.56
N GLU B 101 7.22 -29.31 10.33
CA GLU B 101 8.40 -28.99 9.56
C GLU B 101 8.08 -27.98 8.46
N ASN B 102 6.80 -27.60 8.36
CA ASN B 102 6.38 -26.54 7.43
C ASN B 102 5.52 -25.47 8.13
N LEU B 103 6.17 -24.65 8.95
CA LEU B 103 5.49 -23.70 9.83
C LEU B 103 5.19 -22.39 9.13
N PHE B 104 4.11 -21.73 9.57
CA PHE B 104 3.77 -20.42 9.03
C PHE B 104 4.86 -19.45 9.42
N GLU B 105 5.09 -18.44 8.59
CA GLU B 105 6.01 -17.37 8.95
C GLU B 105 5.22 -16.06 8.94
N GLU B 106 5.87 -14.98 9.34
CA GLU B 106 5.23 -13.67 9.45
C GLU B 106 4.76 -13.14 8.10
N LYS B 107 3.54 -12.62 8.06
CA LYS B 107 2.88 -12.22 6.81
C LYS B 107 1.93 -11.04 7.02
N ASN B 109 0.39 -8.61 5.52
CA ASN B 109 -1.01 -8.94 5.13
C ASN B 109 -1.92 -9.56 6.22
N ASP B 110 -1.30 -10.14 7.24
CA ASP B 110 -2.05 -10.67 8.37
C ASP B 110 -2.81 -9.53 9.05
N THR B 111 -3.98 -9.83 9.57
CA THR B 111 -4.77 -8.82 10.24
C THR B 111 -4.06 -8.10 11.39
N ALA B 112 -3.44 -8.88 12.29
CA ALA B 112 -2.84 -8.37 13.52
C ALA B 112 -1.31 -8.46 13.54
N ASP B 113 -0.66 -7.63 14.35
CA ASP B 113 0.77 -7.75 14.61
C ASP B 113 1.00 -8.69 15.79
N ILE B 114 0.15 -8.55 16.80
CA ILE B 114 0.33 -9.28 18.05
C ILE B 114 -1.00 -9.73 18.59
N LEU B 115 -1.04 -10.97 19.06
CA LEU B 115 -2.24 -11.51 19.65
C LEU B 115 -1.95 -11.78 21.12
N LEU B 116 -2.83 -11.33 22.00
CA LEU B 116 -2.76 -11.67 23.42
C LEU B 116 -4.04 -12.44 23.71
N VAL B 117 -3.89 -13.65 24.22
CA VAL B 117 -5.06 -14.48 24.45
C VAL B 117 -5.04 -15.13 25.83
N LYS B 118 -6.17 -15.06 26.53
CA LYS B 118 -6.30 -15.63 27.86
C LYS B 118 -7.73 -16.02 28.12
N ASP B 119 -7.94 -17.25 28.60
CA ASP B 119 -9.28 -17.72 28.95
C ASP B 119 -10.25 -17.61 27.77
N GLN B 120 -9.78 -17.95 26.58
CA GLN B 120 -10.63 -17.96 25.39
C GLN B 120 -11.10 -16.55 25.00
N PHE B 121 -10.35 -15.54 25.41
CA PHE B 121 -10.61 -14.18 24.98
C PHE B 121 -9.39 -13.61 24.28
N TYR B 122 -9.62 -12.90 23.18
CA TYR B 122 -8.54 -12.50 22.28
C TYR B 122 -8.39 -11.00 22.16
N GLU B 123 -7.16 -10.53 22.31
CA GLU B 123 -6.84 -9.14 22.03
C GLU B 123 -6.00 -9.07 20.76
N LEU B 124 -6.58 -8.51 19.69
CA LEU B 124 -5.80 -8.28 18.47
C LEU B 124 -5.12 -6.92 18.59
N LEU B 125 -3.79 -6.91 18.54
CA LEU B 125 -3.06 -5.66 18.68
C LEU B 125 -2.36 -5.31 17.37
N ASP B 126 -2.59 -4.09 16.90
CA ASP B 126 -1.92 -3.56 15.72
C ASP B 126 -1.06 -2.38 16.18
N VAL B 127 0.25 -2.46 15.93
CA VAL B 127 1.17 -1.38 16.29
C VAL B 127 1.24 -0.40 15.14
N LYS B 128 1.07 0.90 15.41
CA LYS B 128 1.24 1.92 14.36
C LYS B 128 2.49 2.76 14.65
N THR B 129 3.50 2.67 13.79
CA THR B 129 4.68 3.50 13.94
C THR B 129 4.50 4.79 13.15
N ARG B 130 5.11 5.87 13.64
CA ARG B 130 4.84 7.18 13.07
C ARG B 130 6.02 8.10 13.17
N ASN B 131 6.45 8.62 12.02
CA ASN B 131 7.53 9.61 11.97
C ASN B 131 6.94 10.95 12.37
N ILE B 132 7.22 11.35 13.61
CA ILE B 132 6.56 12.47 14.25
C ILE B 132 7.19 13.81 13.83
N SER B 133 8.25 13.74 13.03
CA SER B 133 8.89 14.94 12.51
C SER B 133 8.24 15.43 11.23
N LYS B 134 7.42 14.59 10.60
CA LYS B 134 6.77 14.96 9.33
C LYS B 134 5.33 15.42 9.56
N SER B 135 4.74 16.06 8.55
CA SER B 135 3.33 16.45 8.61
C SER B 135 2.51 15.21 8.96
N ALA B 136 1.62 15.34 9.94
CA ALA B 136 0.72 14.26 10.32
C ALA B 136 -0.11 13.71 9.16
N PHE B 137 -0.03 12.39 8.97
CA PHE B 137 -0.71 11.69 7.90
C PHE B 137 -1.30 10.44 8.54
N ALA B 138 -2.60 10.45 8.79
CA ALA B 138 -3.28 9.33 9.44
C ALA B 138 -3.10 8.04 8.63
N PRO B 139 -2.54 7.01 9.27
CA PRO B 139 -2.19 5.75 8.61
C PRO B 139 -3.43 4.86 8.41
N ASN B 140 -3.35 3.96 7.44
CA ASN B 140 -4.32 2.88 7.32
C ASN B 140 -4.37 2.14 8.67
N ILE B 141 -5.56 1.92 9.16
CA ILE B 141 -5.74 1.24 10.43
C ILE B 141 -6.16 -0.19 10.15
N ILE B 142 -7.26 -0.36 9.41
CA ILE B 142 -7.72 -1.69 9.02
C ILE B 142 -8.74 -1.47 7.91
N SER B 143 -8.95 -2.48 7.07
CA SER B 143 -9.94 -2.37 5.99
C SER B 143 -11.33 -2.15 6.58
N ALA B 144 -12.03 -1.10 6.14
CA ALA B 144 -13.42 -0.89 6.54
C ALA B 144 -14.26 -2.09 6.10
N TYR B 145 -13.86 -2.71 5.00
CA TYR B 145 -14.59 -3.88 4.46
C TYR B 145 -14.33 -5.14 5.28
N LYS B 146 -13.07 -5.39 5.66
CA LYS B 146 -12.80 -6.47 6.60
C LYS B 146 -13.60 -6.25 7.91
N LEU B 147 -13.58 -5.02 8.42
CA LEU B 147 -14.31 -4.69 9.65
C LEU B 147 -15.80 -4.94 9.50
N ALA B 148 -16.34 -4.60 8.32
CA ALA B 148 -17.75 -4.81 8.01
C ALA B 148 -18.10 -6.27 8.09
N GLN B 149 -17.33 -7.10 7.39
CA GLN B 149 -17.53 -8.53 7.42
C GLN B 149 -17.42 -9.09 8.84
N THR B 150 -16.53 -8.50 9.64
CA THR B 150 -16.30 -8.97 11.00
C THR B 150 -17.55 -8.71 11.84
N CYS B 151 -18.09 -7.49 11.75
CA CYS B 151 -19.30 -7.14 12.48
C CYS B 151 -20.45 -8.04 12.06
N ALA B 152 -20.59 -8.21 10.75
CA ALA B 152 -21.58 -9.11 10.20
C ALA B 152 -21.43 -10.48 10.82
N LYS B 153 -20.20 -10.98 10.89
CA LYS B 153 -19.93 -12.29 11.46
C LYS B 153 -20.20 -12.37 12.97
N MET B 154 -19.87 -11.31 13.69
CA MET B 154 -20.17 -11.22 15.12
C MET B 154 -21.66 -11.35 15.40
N ILE B 155 -22.46 -10.64 14.61
CA ILE B 155 -23.92 -10.67 14.75
C ILE B 155 -24.51 -12.04 14.42
N ASP B 156 -24.13 -12.58 13.26
CA ASP B 156 -24.65 -13.88 12.81
C ASP B 156 -24.36 -14.99 13.83
N ASN B 157 -23.20 -14.93 14.46
CA ASN B 157 -22.79 -16.00 15.37
C ASN B 157 -22.87 -15.56 16.83
N LYS B 158 -23.44 -14.39 17.07
CA LYS B 158 -23.59 -13.86 18.42
C LYS B 158 -22.26 -13.91 19.22
N GLU B 159 -21.16 -13.61 18.55
CA GLU B 159 -19.86 -13.60 19.21
C GLU B 159 -19.53 -12.19 19.59
N PHE B 160 -20.06 -11.75 20.73
CA PHE B 160 -19.96 -10.38 21.16
C PHE B 160 -19.02 -10.19 22.34
N ASP B 161 -18.60 -11.31 22.94
CA ASP B 161 -17.70 -11.31 24.09
C ASP B 161 -16.47 -12.17 23.83
N LEU B 162 -15.86 -12.03 22.65
CA LEU B 162 -14.80 -12.92 22.23
C LEU B 162 -13.46 -12.22 22.00
N PHE B 163 -13.48 -11.05 21.35
CA PHE B 163 -12.23 -10.36 21.02
C PHE B 163 -12.38 -8.84 20.98
N ASP B 164 -11.27 -8.15 21.18
CA ASP B 164 -11.14 -6.72 20.96
C ASP B 164 -10.09 -6.48 19.88
N ILE B 165 -10.18 -5.34 19.20
CA ILE B 165 -9.15 -4.96 18.23
C ILE B 165 -8.57 -3.65 18.71
N ASN B 166 -7.30 -3.68 19.10
CA ASN B 166 -6.70 -2.55 19.81
C ASN B 166 -5.43 -2.04 19.12
N TYR B 167 -5.11 -0.76 19.33
CA TYR B 167 -3.98 -0.14 18.65
C TYR B 167 -2.98 0.53 19.59
N LEU B 168 -1.70 0.40 19.26
CA LEU B 168 -0.66 1.07 20.02
C LEU B 168 0.22 1.88 19.08
N GLU B 169 0.14 3.21 19.21
CA GLU B 169 0.92 4.12 18.39
C GLU B 169 2.27 4.34 19.05
N VAL B 170 3.33 4.24 18.25
CA VAL B 170 4.70 4.51 18.71
C VAL B 170 5.30 5.61 17.85
N ASP B 171 5.49 6.78 18.44
CA ASP B 171 6.04 7.94 17.74
C ASP B 171 7.56 7.98 17.84
N TRP B 172 8.21 8.38 16.74
CA TRP B 172 9.66 8.42 16.72
C TRP B 172 10.13 9.56 15.83
N GLU B 173 11.37 9.99 16.08
CA GLU B 173 12.05 10.96 15.24
C GLU B 173 13.47 10.48 15.00
N LEU B 174 14.06 10.89 13.87
CA LEU B 174 15.44 10.54 13.59
C LEU B 174 16.36 11.36 14.50
N ASN B 175 17.35 10.71 15.10
CA ASN B 175 18.36 11.39 15.91
C ASN B 175 19.70 10.69 15.67
N GLY B 176 20.55 11.33 14.87
CA GLY B 176 21.83 10.75 14.51
C GLY B 176 21.66 9.57 13.56
N GLU B 177 22.23 8.43 13.95
CA GLU B 177 22.15 7.24 13.12
C GLU B 177 21.07 6.30 13.63
N ASP B 178 20.14 6.84 14.42
CA ASP B 178 19.09 6.03 15.03
C ASP B 178 17.71 6.71 15.07
N LEU B 179 16.66 5.90 15.16
CA LEU B 179 15.32 6.40 15.39
C LEU B 179 15.03 6.28 16.88
N VAL B 180 14.43 7.31 17.45
CA VAL B 180 14.18 7.28 18.89
C VAL B 180 12.69 7.44 19.18
N CYS B 181 12.14 6.52 19.95
CA CYS B 181 10.74 6.61 20.33
C CYS B 181 10.54 7.75 21.32
N VAL B 182 9.64 8.68 21.02
CA VAL B 182 9.45 9.84 21.87
C VAL B 182 8.12 9.82 22.61
N SER B 183 7.19 9.01 22.13
CA SER B 183 5.93 8.85 22.83
C SER B 183 5.16 7.66 22.29
N THR B 184 4.10 7.30 22.99
CA THR B 184 3.21 6.23 22.54
C THR B 184 1.78 6.60 22.88
N SER B 185 0.85 5.86 22.29
CA SER B 185 -0.57 5.99 22.61
C SER B 185 -1.22 4.64 22.46
N PHE B 186 -2.35 4.46 23.14
CA PHE B 186 -3.07 3.21 23.08
C PHE B 186 -4.55 3.51 23.02
N ALA B 187 -5.28 2.76 22.21
CA ALA B 187 -6.72 2.97 22.11
C ALA B 187 -7.43 1.70 21.64
N GLU B 188 -8.69 1.60 22.00
CA GLU B 188 -9.48 0.43 21.68
C GLU B 188 -10.49 0.76 20.60
N LEU B 189 -10.42 0.04 19.48
CA LEU B 189 -11.33 0.26 18.37
C LEU B 189 -12.78 0.26 18.85
N PHE B 190 -13.14 -0.73 19.68
CA PHE B 190 -14.54 -0.92 20.08
C PHE B 190 -15.04 0.06 21.15
N LYS B 191 -14.19 0.99 21.56
CA LYS B 191 -14.62 2.12 22.41
C LYS B 191 -14.80 3.42 21.62
N SER B 192 -14.46 3.41 20.34
CA SER B 192 -14.67 4.59 19.51
C SER B 192 -16.10 4.64 19.06
N GLU B 193 -16.61 5.85 18.86
CA GLU B 193 -17.87 6.07 18.17
C GLU B 193 -17.70 5.68 16.70
N PRO B 194 -18.45 4.64 16.26
CA PRO B 194 -18.32 4.10 14.91
C PRO B 194 -18.54 5.17 13.84
N SER B 195 -19.49 6.09 14.07
CA SER B 195 -19.84 7.05 13.03
C SER B 195 -18.76 8.13 12.84
N GLU B 196 -17.85 8.23 13.79
CA GLU B 196 -16.70 9.12 13.69
C GLU B 196 -15.53 8.53 12.93
N LEU B 197 -15.65 7.28 12.51
CA LEU B 197 -14.54 6.59 11.87
C LEU B 197 -14.36 7.05 10.41
N TYR B 198 -13.16 7.51 10.07
CA TYR B 198 -12.89 8.01 8.72
C TYR B 198 -12.54 6.84 7.82
N ILE B 199 -13.34 6.63 6.77
CA ILE B 199 -13.06 5.57 5.82
C ILE B 199 -12.47 6.18 4.56
N ASN B 200 -11.23 5.85 4.25
CA ASN B 200 -10.58 6.40 3.07
C ASN B 200 -10.64 5.39 1.95
N TRP B 201 -11.60 5.60 1.06
CA TRP B 201 -11.93 4.60 0.07
C TRP B 201 -10.78 4.38 -0.91
N ALA B 202 -10.15 5.45 -1.38
CA ALA B 202 -9.02 5.30 -2.30
C ALA B 202 -7.87 4.51 -1.67
N ALA B 203 -7.62 4.74 -0.38
CA ALA B 203 -6.52 4.06 0.31
C ALA B 203 -6.93 2.66 0.73
N ALA B 204 -7.23 1.82 -0.27
CA ALA B 204 -7.61 0.44 0.00
C ALA B 204 -8.79 0.34 0.98
N MET B 205 -9.73 1.29 0.90
CA MET B 205 -10.93 1.22 1.74
C MET B 205 -10.59 1.11 3.22
N GLN B 206 -9.50 1.77 3.63
CA GLN B 206 -9.01 1.64 5.00
C GLN B 206 -9.58 2.73 5.93
N ILE B 207 -9.92 2.34 7.15
CA ILE B 207 -10.18 3.30 8.21
C ILE B 207 -8.85 3.97 8.50
N GLN B 208 -8.87 5.26 8.77
CA GLN B 208 -7.63 5.96 9.05
C GLN B 208 -7.79 6.87 10.26
N PHE B 209 -6.85 6.77 11.20
CA PHE B 209 -6.74 7.73 12.29
C PHE B 209 -5.36 7.65 12.94
N HIS B 210 -5.01 8.67 13.72
CA HIS B 210 -3.90 8.54 14.66
C HIS B 210 -4.47 8.00 15.97
N VAL B 211 -3.77 7.05 16.58
CA VAL B 211 -4.25 6.42 17.79
C VAL B 211 -4.53 7.45 18.87
N ARG B 212 -3.64 8.42 19.01
CA ARG B 212 -3.79 9.46 20.03
C ARG B 212 -5.05 10.32 19.84
N ASP B 213 -5.63 10.31 18.65
CA ASP B 213 -6.84 11.10 18.37
C ASP B 213 -8.14 10.30 18.50
N LEU B 214 -8.06 8.98 18.61
CA LEU B 214 -9.24 8.13 18.58
C LEU B 214 -10.14 8.36 19.81
N ASP B 215 -11.38 8.79 19.60
CA ASP B 215 -12.27 8.96 20.75
C ASP B 215 -12.60 7.60 21.35
N GLN B 216 -12.80 7.57 22.66
CA GLN B 216 -13.04 6.33 23.38
C GLN B 216 -14.28 6.45 24.25
N GLY B 217 -15.31 7.14 23.75
CA GLY B 217 -16.50 7.40 24.52
C GLY B 217 -17.74 6.58 24.16
N PHE B 218 -17.61 5.55 23.34
CA PHE B 218 -18.75 4.69 23.02
C PHE B 218 -19.28 4.06 24.30
N ASN B 219 -20.60 4.19 24.54
CA ASN B 219 -21.21 3.71 25.78
C ASN B 219 -22.02 2.42 25.66
N GLY B 220 -22.49 2.10 24.45
CA GLY B 220 -23.30 0.91 24.25
C GLY B 220 -22.62 -0.44 24.39
N THR B 221 -23.33 -1.49 23.98
CA THR B 221 -22.80 -2.85 23.99
C THR B 221 -22.00 -3.15 22.72
N ARG B 222 -21.31 -4.29 22.70
CA ARG B 222 -20.54 -4.69 21.53
C ARG B 222 -21.45 -4.91 20.33
N GLU B 223 -22.63 -5.48 20.57
CA GLU B 223 -23.62 -5.65 19.51
C GLU B 223 -24.05 -4.31 18.91
N GLU B 224 -24.35 -3.34 19.79
CA GLU B 224 -24.65 -2.00 19.34
C GLU B 224 -23.50 -1.42 18.49
N TRP B 225 -22.28 -1.56 18.97
CA TRP B 225 -21.13 -1.11 18.18
C TRP B 225 -21.20 -1.68 16.76
N ALA B 226 -21.42 -2.98 16.66
CA ALA B 226 -21.37 -3.65 15.37
C ALA B 226 -22.48 -3.14 14.44
N LYS B 227 -23.68 -2.98 15.00
CA LYS B 227 -24.80 -2.49 14.19
C LYS B 227 -24.57 -1.05 13.78
N SER B 228 -24.05 -0.25 14.69
CA SER B 228 -23.77 1.14 14.39
C SER B 228 -22.65 1.25 13.34
N TYR B 229 -21.63 0.39 13.43
CA TYR B 229 -20.58 0.39 12.41
C TYR B 229 -21.10 0.05 11.02
N LEU B 230 -21.96 -0.96 10.94
CA LEU B 230 -22.51 -1.38 9.67
C LEU B 230 -23.33 -0.25 9.03
N LYS B 231 -24.16 0.41 9.81
CA LYS B 231 -24.93 1.54 9.26
C LYS B 231 -23.99 2.58 8.71
N HIS B 232 -22.95 2.89 9.48
CA HIS B 232 -21.92 3.83 9.05
C HIS B 232 -21.26 3.38 7.73
N PHE B 233 -20.76 2.15 7.71
CA PHE B 233 -20.10 1.60 6.52
C PHE B 233 -21.00 1.69 5.29
N VAL B 234 -22.25 1.28 5.44
CA VAL B 234 -23.17 1.26 4.31
C VAL B 234 -23.40 2.67 3.81
N THR B 235 -23.63 3.58 4.75
CA THR B 235 -23.80 4.99 4.42
C THR B 235 -22.58 5.58 3.68
N GLN B 236 -21.39 5.24 4.13
CA GLN B 236 -20.20 5.85 3.56
C GLN B 236 -19.91 5.29 2.17
N ALA B 237 -20.24 4.01 1.97
CA ALA B 237 -20.11 3.39 0.66
C ALA B 237 -20.99 4.14 -0.37
N GLU B 238 -22.22 4.45 0.03
CA GLU B 238 -23.15 5.18 -0.83
C GLU B 238 -22.62 6.56 -1.20
N GLN B 239 -22.11 7.28 -0.19
CA GLN B 239 -21.48 8.56 -0.41
C GLN B 239 -20.30 8.41 -1.38
N ARG B 240 -19.47 7.38 -1.20
CA ARG B 240 -18.34 7.22 -2.09
C ARG B 240 -18.76 7.01 -3.56
N ALA B 241 -19.74 6.15 -3.80
CA ALA B 241 -20.25 5.93 -5.15
C ALA B 241 -20.62 7.25 -5.81
N ILE B 242 -21.44 8.03 -5.13
CA ILE B 242 -21.84 9.33 -5.63
C ILE B 242 -20.65 10.24 -5.95
N SER B 243 -19.69 10.28 -5.04
CA SER B 243 -18.56 11.19 -5.19
C SER B 243 -17.63 10.73 -6.32
N MET B 244 -17.75 9.47 -6.72
CA MET B 244 -16.96 8.97 -7.83
C MET B 244 -17.35 9.66 -9.14
N ILE B 245 -18.64 9.95 -9.32
CA ILE B 245 -19.08 10.63 -10.53
C ILE B 245 -18.45 12.02 -10.57
N ASP B 246 -18.53 12.71 -9.45
CA ASP B 246 -18.03 14.08 -9.39
C ASP B 246 -16.52 14.20 -9.52
N LYS B 247 -15.76 13.23 -9.03
CA LYS B 247 -14.31 13.38 -9.12
C LYS B 247 -13.69 12.66 -10.30
N PHE B 248 -14.29 11.54 -10.72
CA PHE B 248 -13.63 10.70 -11.72
C PHE B 248 -14.37 10.66 -13.04
N VAL B 249 -15.58 11.19 -13.09
CA VAL B 249 -16.32 11.16 -14.33
C VAL B 249 -16.49 12.58 -14.88
N LYS B 250 -17.10 13.45 -14.10
CA LYS B 250 -17.37 14.82 -14.57
C LYS B 250 -16.17 15.57 -15.16
N PRO B 251 -15.04 15.58 -14.44
CA PRO B 251 -13.93 16.43 -14.90
C PRO B 251 -13.28 15.95 -16.18
N PHE B 252 -13.64 14.75 -16.64
CA PHE B 252 -12.97 14.16 -17.80
C PHE B 252 -13.86 14.01 -19.03
N LYS B 253 -15.16 14.18 -18.84
CA LYS B 253 -16.12 14.05 -19.95
C LYS B 253 -15.79 14.98 -21.12
N LYS B 254 -15.30 16.18 -20.85
CA LYS B 254 -15.08 17.14 -21.91
C LYS B 254 -14.03 16.70 -22.95
N TYR B 255 -13.21 15.71 -22.59
CA TYR B 255 -12.15 15.26 -23.50
C TYR B 255 -12.62 14.15 -24.41
N ILE B 256 -13.80 13.60 -24.12
CA ILE B 256 -14.25 12.41 -24.85
C ILE B 256 -15.44 12.67 -25.76
N LEU B 257 -15.47 11.96 -26.88
CA LEU B 257 -16.45 12.19 -27.94
C LEU B 257 -16.90 10.87 -28.58
CA CA E . 8.79 0.15 -8.77
NA NA F . 4.00 2.64 -9.82
NA NA G . 8.65 4.51 -7.06
CA CA H . 1.04 -2.44 12.30
NA NA I . -3.88 -2.94 9.80
#